data_5G2Y
#
_entry.id   5G2Y
#
_cell.length_a   1.000
_cell.length_b   1.000
_cell.length_c   1.000
_cell.angle_alpha   90.00
_cell.angle_beta   90.00
_cell.angle_gamma   90.00
#
_symmetry.space_group_name_H-M   'P 1'
#
_entity_poly.entity_id   1
_entity_poly.type   'polyribonucleotide'
_entity_poly.pdbx_seq_one_letter_code
;AUGCGCCCAGAUAGGGUGUUAAGUCAAGUAGUUUAAGGUACUACUCUGUAAGAUAACACAGAAAACAGCCAACCUAACCG
AAAAGCGAAAGCUGAUACGGGAACAGAGCACGGUUGGAAAGCGAUGAGUUACCUAAAGACAAUCGGGUACGACUGAGUCG
CAAUGUUAAUCAGAUAUAAGGUAUAAGUUGUGUUUACUGAACGCAAGUUUCUAAUUUCGGUUAUGUGUCGAUAGAGGAAA
GUGUCUGAAACCUCUAGUACAAAGAAAGGUAAGUUAUGGUUGUGGACUUAUCUGUUAUCACCACAUUUGUACAAUCUGUA
GGAGAACCUAUGGGAACGAAACGAAAGCGAUGCCGAGAAUCUGAAUUUACCAAGACUUAACACUAACUGGGGAUACCCUA
AACAAGAAUGCCUAAAGGAGGAAAAAGGCUAUAGCACUAGAGCUUGAAAAUCUUGCAAGGGUACGGAGUACUCGUAGUAG
UCUGAGAAGGGUAACGCCCUUUACAUGGCAAAGGGGUACAGUUAUUGUGUACUAAAAUUAAAAAUUGAUUAGGGAGGAAA
ACCUCAAACCAACAAUGGCAAUUUUAGACAAUAACAGAGCCGUAUACUCCGAGAGGGGUACGUACGGUUCCCGAAGAGGG
UGGUGCAAACCAGUCACAGUAAUGUGAACAAGGCGGUACCUCCCUACUUCACCACAUCCAUAAC
;
_entity_poly.pdbx_strand_id   A
#
loop_
_chem_comp.id
_chem_comp.type
_chem_comp.name
_chem_comp.formula
A RNA linking ADENOSINE-5'-MONOPHOSPHATE 'C10 H14 N5 O7 P'
C RNA linking CYTIDINE-5'-MONOPHOSPHATE 'C9 H14 N3 O8 P'
G RNA linking GUANOSINE-5'-MONOPHOSPHATE 'C10 H14 N5 O8 P'
U RNA linking URIDINE-5'-MONOPHOSPHATE 'C9 H13 N2 O9 P'
#